data_1J19
#
_entry.id   1J19
#
_cell.length_a   100.440
_cell.length_b   100.440
_cell.length_c   99.480
_cell.angle_alpha   90.00
_cell.angle_beta   90.00
_cell.angle_gamma   120.00
#
_symmetry.space_group_name_H-M   'P 31 2 1'
#
loop_
_entity.id
_entity.type
_entity.pdbx_description
1 polymer radixin
2 polymer '16-mer peptide from Intercellular adhesion molecule-2'
3 water water
#
loop_
_entity_poly.entity_id
_entity_poly.type
_entity_poly.pdbx_seq_one_letter_code
_entity_poly.pdbx_strand_id
1 'polypeptide(L)'
;MPKPINVRVTTMDAELEFAIQPNTTGKQLFDQVVKTVGLREVWFFGLQYVDSKGYSTWLKLNKKVTQQDVKKENPLQFKF
RAKFFPEDVSEELIQEITQRLFFLQVKEAILNDEIYCPPETAVLLASYAVQAKYGDYNKEIHKPGYLANDRLLPQRVLEQ
HKLTKEQWEERIQNWHEEHRGMLREDSMMEYLKIAQDLEMYGVNYFEIKNKKGTELWLGVDALGLNIYEHDDKLTPKIGF
PWSEIRNISFNDKKFVIKPIDKKAPDFVFYAPRLRINKRILALCMGNHELYMRRRKPDTIEVQQMKAQARVDSSGAA
;
A
2 'polypeptide(L)' RRRTGTYGVLAAWRRL B
#
# COMPACT_ATOMS: atom_id res chain seq x y z
N PRO A 2 26.92 -2.61 24.90
CA PRO A 2 25.92 -1.57 24.53
C PRO A 2 24.53 -1.93 25.06
N LYS A 3 23.77 -0.92 25.50
CA LYS A 3 22.41 -1.12 26.02
C LYS A 3 21.43 -1.47 24.89
N PRO A 4 20.66 -2.59 25.03
CA PRO A 4 19.69 -3.03 24.01
C PRO A 4 18.52 -2.07 23.84
N ILE A 5 17.91 -2.07 22.65
CA ILE A 5 16.77 -1.20 22.36
C ILE A 5 15.49 -1.99 22.08
N ASN A 6 14.40 -1.56 22.72
CA ASN A 6 13.08 -2.18 22.58
C ASN A 6 12.43 -1.81 21.25
N VAL A 7 12.17 -2.83 20.43
CA VAL A 7 11.54 -2.62 19.14
C VAL A 7 10.23 -3.42 19.12
N ARG A 8 9.24 -2.92 18.41
CA ARG A 8 7.95 -3.58 18.32
C ARG A 8 7.33 -3.44 16.93
N VAL A 9 7.71 -4.34 16.04
CA VAL A 9 7.19 -4.36 14.67
C VAL A 9 5.82 -5.06 14.63
N THR A 10 4.80 -4.38 14.13
CA THR A 10 3.48 -5.01 14.05
C THR A 10 3.04 -5.27 12.61
N THR A 11 2.46 -6.46 12.41
CA THR A 11 1.93 -6.91 11.14
C THR A 11 0.43 -6.55 11.17
N MET A 12 -0.28 -6.69 10.07
CA MET A 12 -1.71 -6.38 10.11
C MET A 12 -2.45 -7.32 11.08
N ASP A 13 -1.95 -8.54 11.24
CA ASP A 13 -2.56 -9.50 12.16
C ASP A 13 -1.57 -10.14 13.15
N ALA A 14 -0.56 -9.36 13.54
CA ALA A 14 0.43 -9.84 14.49
C ALA A 14 1.06 -8.69 15.29
N GLU A 15 2.05 -9.04 16.11
CA GLU A 15 2.78 -8.10 16.97
C GLU A 15 4.11 -8.80 17.28
N LEU A 16 5.21 -8.15 16.94
CA LEU A 16 6.52 -8.76 17.18
C LEU A 16 7.44 -7.89 18.04
N GLU A 17 7.46 -8.17 19.34
CA GLU A 17 8.30 -7.44 20.28
C GLU A 17 9.62 -8.20 20.48
N PHE A 18 10.71 -7.44 20.47
CA PHE A 18 12.06 -7.98 20.68
C PHE A 18 13.13 -6.89 20.73
N ALA A 19 14.40 -7.30 20.71
CA ALA A 19 15.50 -6.37 20.75
C ALA A 19 16.59 -6.78 19.77
N ILE A 20 17.35 -5.81 19.29
CA ILE A 20 18.43 -6.04 18.34
C ILE A 20 19.64 -5.17 18.77
N GLN A 21 20.73 -5.22 17.99
CA GLN A 21 21.95 -4.44 18.29
C GLN A 21 21.78 -2.93 17.97
N PRO A 22 22.19 -2.05 18.90
CA PRO A 22 22.08 -0.59 18.70
C PRO A 22 22.68 -0.08 17.38
N ASN A 23 23.65 -0.83 16.85
CA ASN A 23 24.28 -0.45 15.60
C ASN A 23 23.86 -1.45 14.52
N THR A 24 22.56 -1.68 14.43
CA THR A 24 21.98 -2.61 13.45
C THR A 24 21.27 -1.88 12.32
N THR A 25 21.42 -2.40 11.11
CA THR A 25 20.80 -1.80 9.94
C THR A 25 19.29 -2.04 9.87
N GLY A 26 18.64 -1.34 8.93
CA GLY A 26 17.22 -1.50 8.75
C GLY A 26 16.89 -2.82 8.06
N LYS A 27 17.82 -3.34 7.26
CA LYS A 27 17.64 -4.61 6.54
C LYS A 27 17.73 -5.81 7.47
N GLN A 28 18.49 -5.66 8.56
CA GLN A 28 18.63 -6.75 9.52
C GLN A 28 17.32 -6.91 10.28
N LEU A 29 16.68 -5.78 10.61
CA LEU A 29 15.41 -5.79 11.32
C LEU A 29 14.37 -6.38 10.36
N PHE A 30 14.42 -5.93 9.11
CA PHE A 30 13.52 -6.37 8.05
C PHE A 30 13.66 -7.87 7.83
N ASP A 31 14.86 -8.31 7.48
CA ASP A 31 15.15 -9.72 7.23
C ASP A 31 14.71 -10.61 8.40
N GLN A 32 14.60 -10.01 9.58
CA GLN A 32 14.20 -10.73 10.78
C GLN A 32 12.68 -10.85 10.79
N VAL A 33 12.00 -9.73 10.59
CA VAL A 33 10.54 -9.68 10.58
C VAL A 33 9.99 -10.60 9.48
N VAL A 34 10.64 -10.56 8.32
CA VAL A 34 10.28 -11.37 7.15
C VAL A 34 10.34 -12.88 7.42
N LYS A 35 11.39 -13.33 8.09
CA LYS A 35 11.58 -14.75 8.40
C LYS A 35 10.68 -15.23 9.54
N THR A 36 10.57 -14.42 10.58
CA THR A 36 9.72 -14.76 11.71
C THR A 36 8.31 -15.06 11.19
N VAL A 37 7.85 -14.27 10.22
CA VAL A 37 6.51 -14.38 9.61
C VAL A 37 6.35 -15.33 8.41
N GLY A 38 7.46 -15.73 7.78
CA GLY A 38 7.40 -16.64 6.64
C GLY A 38 6.93 -16.02 5.35
N LEU A 39 7.30 -14.74 5.17
CA LEU A 39 6.94 -13.95 4.00
C LEU A 39 8.14 -14.02 3.06
N ARG A 40 7.89 -14.30 1.79
CA ARG A 40 8.96 -14.38 0.82
C ARG A 40 8.87 -13.29 -0.25
N GLU A 41 7.65 -12.82 -0.53
CA GLU A 41 7.45 -11.75 -1.52
C GLU A 41 7.71 -10.42 -0.81
N VAL A 42 8.94 -10.26 -0.35
CA VAL A 42 9.38 -9.09 0.39
C VAL A 42 9.40 -7.75 -0.34
N TRP A 43 9.47 -7.79 -1.67
CA TRP A 43 9.51 -6.59 -2.50
C TRP A 43 8.33 -5.59 -2.42
N PHE A 44 7.20 -6.03 -1.85
CA PHE A 44 6.04 -5.17 -1.72
C PHE A 44 6.03 -4.50 -0.36
N PHE A 45 6.87 -4.99 0.55
CA PHE A 45 6.86 -4.50 1.91
C PHE A 45 7.99 -3.60 2.41
N GLY A 46 7.76 -3.03 3.59
CA GLY A 46 8.70 -2.16 4.26
C GLY A 46 8.25 -1.92 5.70
N LEU A 47 9.04 -1.17 6.47
CA LEU A 47 8.71 -0.84 7.87
C LEU A 47 8.40 0.66 8.00
N GLN A 48 7.15 0.98 8.29
CA GLN A 48 6.73 2.36 8.43
C GLN A 48 6.88 2.85 9.87
N TYR A 49 7.27 4.11 10.02
CA TYR A 49 7.45 4.70 11.34
C TYR A 49 7.18 6.21 11.31
N VAL A 50 6.91 6.77 12.49
CA VAL A 50 6.66 8.20 12.62
C VAL A 50 7.94 8.86 13.11
N ASP A 51 8.21 10.08 12.63
CA ASP A 51 9.43 10.78 13.05
C ASP A 51 9.22 11.91 14.07
N SER A 52 10.19 12.80 14.15
CA SER A 52 10.16 13.93 15.08
C SER A 52 9.28 15.09 14.62
N LYS A 53 8.84 15.03 13.37
CA LYS A 53 8.00 16.08 12.77
C LYS A 53 6.53 15.62 12.53
N GLY A 54 6.22 14.38 12.92
CA GLY A 54 4.89 13.84 12.76
C GLY A 54 4.59 13.27 11.39
N TYR A 55 5.63 12.80 10.69
CA TYR A 55 5.50 12.20 9.36
C TYR A 55 5.58 10.68 9.44
N SER A 56 4.88 9.99 8.55
CA SER A 56 4.92 8.52 8.52
C SER A 56 5.66 8.08 7.26
N THR A 57 6.96 7.87 7.41
CA THR A 57 7.83 7.46 6.31
C THR A 57 8.14 5.95 6.33
N TRP A 58 9.17 5.57 5.59
CA TRP A 58 9.58 4.18 5.50
C TRP A 58 11.04 4.02 5.91
N LEU A 59 11.29 3.08 6.82
CA LEU A 59 12.65 2.81 7.28
C LEU A 59 13.57 2.52 6.10
N LYS A 60 14.77 3.11 6.16
CA LYS A 60 15.80 2.92 5.13
C LYS A 60 16.55 1.67 5.56
N LEU A 61 16.65 0.71 4.64
CA LEU A 61 17.30 -0.57 4.94
C LEU A 61 18.81 -0.48 5.16
N ASN A 62 19.46 0.42 4.41
CA ASN A 62 20.91 0.63 4.49
C ASN A 62 21.39 1.23 5.81
N LYS A 63 20.71 2.26 6.29
CA LYS A 63 21.11 2.91 7.52
C LYS A 63 20.70 2.21 8.81
N LYS A 64 21.31 2.64 9.90
CA LYS A 64 21.03 2.11 11.24
C LYS A 64 19.66 2.60 11.66
N VAL A 65 18.95 1.76 12.39
CA VAL A 65 17.59 2.06 12.87
C VAL A 65 17.43 3.40 13.62
N THR A 66 18.28 3.63 14.62
CA THR A 66 18.24 4.84 15.46
C THR A 66 18.73 6.15 14.84
N GLN A 67 19.53 6.04 13.79
CA GLN A 67 20.10 7.19 13.12
C GLN A 67 19.09 7.97 12.27
N GLN A 68 18.31 7.27 11.45
CA GLN A 68 17.29 7.94 10.66
C GLN A 68 16.22 8.35 11.66
N ASP A 69 15.87 9.63 11.64
CA ASP A 69 14.90 10.22 12.57
C ASP A 69 13.71 9.34 12.99
N VAL A 70 13.94 8.49 14.00
CA VAL A 70 12.91 7.59 14.54
C VAL A 70 12.43 8.17 15.87
N LYS A 71 11.12 8.41 15.97
CA LYS A 71 10.54 8.96 17.20
C LYS A 71 11.00 8.08 18.37
N LYS A 72 11.76 8.69 19.27
CA LYS A 72 12.29 8.00 20.43
C LYS A 72 11.22 7.71 21.48
N GLU A 73 11.14 6.44 21.87
CA GLU A 73 10.18 5.95 22.87
C GLU A 73 10.49 4.49 23.26
N ASN A 74 9.63 3.89 24.09
CA ASN A 74 9.81 2.50 24.51
C ASN A 74 8.47 1.75 24.45
N PRO A 75 8.37 0.73 23.56
CA PRO A 75 9.42 0.28 22.64
C PRO A 75 9.42 1.15 21.38
N LEU A 76 10.38 0.90 20.48
CA LEU A 76 10.47 1.63 19.21
C LEU A 76 9.44 1.05 18.24
N GLN A 77 8.31 1.74 18.13
CA GLN A 77 7.19 1.33 17.29
C GLN A 77 7.46 1.31 15.80
N PHE A 78 7.16 0.17 15.19
CA PHE A 78 7.31 -0.05 13.76
C PHE A 78 6.08 -0.77 13.24
N LYS A 79 5.91 -0.75 11.92
CA LYS A 79 4.78 -1.37 11.27
C LYS A 79 5.19 -2.03 9.98
N PHE A 80 5.04 -3.35 9.90
CA PHE A 80 5.35 -4.06 8.69
C PHE A 80 4.09 -3.86 7.84
N ARG A 81 4.24 -3.21 6.70
CA ARG A 81 3.14 -2.91 5.82
C ARG A 81 3.55 -3.02 4.35
N ALA A 82 2.55 -3.08 3.48
CA ALA A 82 2.79 -3.14 2.04
C ALA A 82 3.13 -1.70 1.65
N LYS A 83 4.28 -1.53 1.02
CA LYS A 83 4.78 -0.23 0.58
C LYS A 83 4.52 -0.02 -0.91
N PHE A 84 4.54 -1.11 -1.66
CA PHE A 84 4.31 -1.06 -3.07
C PHE A 84 3.13 -1.94 -3.40
N PHE A 85 2.30 -1.47 -4.32
CA PHE A 85 1.13 -2.22 -4.71
C PHE A 85 1.30 -2.71 -6.14
N PRO A 86 0.96 -3.99 -6.39
CA PRO A 86 1.12 -4.53 -7.74
C PRO A 86 0.17 -3.88 -8.76
N GLU A 87 0.45 -4.04 -10.04
CA GLU A 87 -0.43 -3.46 -11.03
C GLU A 87 -1.72 -4.29 -11.10
N ASP A 88 -1.57 -5.61 -10.92
CA ASP A 88 -2.68 -6.55 -10.90
C ASP A 88 -2.43 -7.53 -9.77
N VAL A 89 -3.30 -7.45 -8.76
CA VAL A 89 -3.24 -8.30 -7.57
C VAL A 89 -3.37 -9.82 -7.90
N SER A 90 -4.11 -10.15 -8.96
CA SER A 90 -4.35 -11.53 -9.38
C SER A 90 -3.11 -12.34 -9.70
N GLU A 91 -2.21 -11.77 -10.50
CA GLU A 91 -1.00 -12.49 -10.86
C GLU A 91 0.26 -12.05 -10.16
N GLU A 92 0.17 -11.07 -9.26
CA GLU A 92 1.36 -10.61 -8.57
C GLU A 92 1.48 -10.99 -7.11
N LEU A 93 0.36 -11.22 -6.43
CA LEU A 93 0.38 -11.64 -5.02
C LEU A 93 0.27 -13.15 -5.06
N ILE A 94 1.43 -13.82 -5.02
CA ILE A 94 1.48 -15.27 -5.12
C ILE A 94 1.07 -16.10 -3.91
N GLN A 95 1.72 -15.87 -2.77
CA GLN A 95 1.44 -16.64 -1.57
C GLN A 95 0.29 -16.12 -0.75
N GLU A 96 -0.21 -16.99 0.12
CA GLU A 96 -1.34 -16.67 0.97
C GLU A 96 -1.05 -15.58 2.01
N ILE A 97 0.13 -15.60 2.61
CA ILE A 97 0.50 -14.61 3.62
C ILE A 97 0.57 -13.18 3.05
N THR A 98 0.94 -13.07 1.77
CA THR A 98 1.05 -11.80 1.05
C THR A 98 -0.37 -11.25 0.86
N GLN A 99 -1.19 -12.10 0.25
CA GLN A 99 -2.59 -11.81 -0.03
C GLN A 99 -3.37 -11.36 1.20
N ARG A 100 -3.15 -12.08 2.31
CA ARG A 100 -3.80 -11.81 3.59
C ARG A 100 -3.40 -10.47 4.14
N LEU A 101 -2.11 -10.16 4.04
CA LEU A 101 -1.60 -8.90 4.53
C LEU A 101 -2.07 -7.72 3.69
N PHE A 102 -2.16 -7.90 2.38
CA PHE A 102 -2.64 -6.86 1.48
C PHE A 102 -4.13 -6.64 1.75
N PHE A 103 -4.87 -7.73 1.90
CA PHE A 103 -6.31 -7.70 2.17
C PHE A 103 -6.66 -6.89 3.41
N LEU A 104 -5.98 -7.20 4.51
CA LEU A 104 -6.21 -6.54 5.79
C LEU A 104 -5.87 -5.05 5.81
N GLN A 105 -4.76 -4.70 5.15
CA GLN A 105 -4.31 -3.32 5.08
C GLN A 105 -5.23 -2.50 4.18
N VAL A 106 -5.58 -3.06 3.04
CA VAL A 106 -6.46 -2.37 2.11
C VAL A 106 -7.84 -2.22 2.74
N LYS A 107 -8.37 -3.29 3.32
CA LYS A 107 -9.68 -3.24 3.97
C LYS A 107 -9.67 -2.22 5.08
N GLU A 108 -8.58 -2.19 5.86
CA GLU A 108 -8.46 -1.24 6.96
C GLU A 108 -8.51 0.18 6.43
N ALA A 109 -7.81 0.41 5.31
CA ALA A 109 -7.75 1.73 4.68
C ALA A 109 -9.10 2.20 4.11
N ILE A 110 -9.89 1.27 3.60
CA ILE A 110 -11.21 1.58 3.03
C ILE A 110 -12.21 1.89 4.13
N LEU A 111 -12.11 1.13 5.22
CA LEU A 111 -12.98 1.27 6.39
C LEU A 111 -12.71 2.61 7.10
N ASN A 112 -11.43 3.02 7.14
CA ASN A 112 -11.01 4.27 7.77
C ASN A 112 -11.24 5.48 6.87
N ASP A 113 -11.73 5.23 5.66
CA ASP A 113 -12.03 6.27 4.69
C ASP A 113 -10.80 6.90 4.04
N GLU A 114 -9.63 6.27 4.17
CA GLU A 114 -8.40 6.78 3.56
C GLU A 114 -8.43 6.59 2.04
N ILE A 115 -9.18 5.57 1.61
CA ILE A 115 -9.37 5.24 0.20
C ILE A 115 -10.86 5.31 0.00
N TYR A 116 -11.32 6.20 -0.87
CA TYR A 116 -12.75 6.35 -1.14
C TYR A 116 -13.37 5.13 -1.82
N CYS A 117 -14.59 4.81 -1.39
CA CYS A 117 -15.34 3.70 -1.94
C CYS A 117 -16.81 4.06 -1.96
N PRO A 118 -17.46 3.93 -3.11
CA PRO A 118 -18.88 4.25 -3.23
C PRO A 118 -19.67 3.26 -2.39
N PRO A 119 -20.90 3.61 -1.99
CA PRO A 119 -21.78 2.76 -1.18
C PRO A 119 -22.05 1.33 -1.65
N GLU A 120 -22.49 1.15 -2.89
CA GLU A 120 -22.77 -0.20 -3.41
C GLU A 120 -21.52 -1.07 -3.44
N THR A 121 -20.42 -0.50 -3.91
CA THR A 121 -19.14 -1.21 -3.98
C THR A 121 -18.66 -1.56 -2.56
N ALA A 122 -18.84 -0.64 -1.61
CA ALA A 122 -18.44 -0.85 -0.23
C ALA A 122 -19.18 -2.04 0.39
N VAL A 123 -20.47 -2.16 0.09
CA VAL A 123 -21.30 -3.27 0.58
C VAL A 123 -20.83 -4.58 -0.05
N LEU A 124 -20.55 -4.56 -1.36
CA LEU A 124 -20.07 -5.75 -2.05
C LEU A 124 -18.75 -6.17 -1.43
N LEU A 125 -17.89 -5.19 -1.11
CA LEU A 125 -16.60 -5.47 -0.48
C LEU A 125 -16.83 -6.09 0.90
N ALA A 126 -17.76 -5.52 1.65
CA ALA A 126 -18.12 -6.00 2.98
C ALA A 126 -18.49 -7.48 2.99
N SER A 127 -19.29 -7.90 2.02
CA SER A 127 -19.71 -9.29 1.94
C SER A 127 -18.59 -10.28 1.66
N TYR A 128 -17.56 -9.79 0.97
CA TYR A 128 -16.40 -10.62 0.66
C TYR A 128 -15.59 -10.77 1.94
N ALA A 129 -15.63 -9.72 2.75
CA ALA A 129 -14.94 -9.71 4.02
C ALA A 129 -15.68 -10.66 4.97
N VAL A 130 -17.01 -10.67 4.92
CA VAL A 130 -17.76 -11.58 5.79
C VAL A 130 -17.58 -12.99 5.29
N GLN A 131 -17.59 -13.19 3.97
CA GLN A 131 -17.40 -14.52 3.44
C GLN A 131 -16.02 -15.05 3.85
N ALA A 132 -15.04 -14.15 3.92
CA ALA A 132 -13.68 -14.49 4.29
C ALA A 132 -13.49 -14.78 5.78
N LYS A 133 -14.30 -14.15 6.63
CA LYS A 133 -14.20 -14.34 8.09
C LYS A 133 -15.00 -15.56 8.59
N TYR A 134 -16.28 -15.61 8.20
CA TYR A 134 -17.21 -16.66 8.60
C TYR A 134 -17.28 -17.88 7.71
N GLY A 135 -16.94 -17.71 6.44
CA GLY A 135 -17.01 -18.82 5.51
C GLY A 135 -18.42 -18.85 4.97
N ASP A 136 -18.82 -20.00 4.43
CA ASP A 136 -20.14 -20.18 3.84
C ASP A 136 -21.27 -19.77 4.77
N TYR A 137 -22.24 -19.05 4.21
CA TYR A 137 -23.40 -18.63 4.98
C TYR A 137 -24.25 -19.83 5.35
N ASN A 138 -24.51 -19.98 6.64
CA ASN A 138 -25.37 -21.06 7.15
C ASN A 138 -26.53 -20.48 7.96
N LYS A 139 -27.74 -20.64 7.42
CA LYS A 139 -28.97 -20.14 8.04
C LYS A 139 -29.15 -20.52 9.50
N GLU A 140 -28.64 -21.69 9.88
CA GLU A 140 -28.75 -22.18 11.24
C GLU A 140 -27.73 -21.59 12.24
N ILE A 141 -26.49 -21.41 11.81
CA ILE A 141 -25.44 -20.86 12.68
C ILE A 141 -25.34 -19.32 12.61
N HIS A 142 -25.51 -18.76 11.42
CA HIS A 142 -25.43 -17.32 11.22
C HIS A 142 -26.82 -16.71 11.36
N LYS A 143 -27.34 -16.77 12.59
CA LYS A 143 -28.67 -16.25 12.92
C LYS A 143 -28.63 -14.74 12.84
N PRO A 144 -29.79 -14.10 12.57
CA PRO A 144 -29.86 -12.64 12.47
C PRO A 144 -29.10 -11.92 13.61
N GLY A 145 -28.32 -10.90 13.23
CA GLY A 145 -27.54 -10.16 14.19
C GLY A 145 -26.11 -10.66 14.26
N TYR A 146 -25.76 -11.60 13.38
CA TYR A 146 -24.41 -12.16 13.34
C TYR A 146 -23.37 -11.13 12.93
N LEU A 147 -23.80 -10.13 12.17
CA LEU A 147 -22.93 -9.07 11.69
C LEU A 147 -23.01 -7.77 12.50
N ALA A 148 -23.63 -7.84 13.69
CA ALA A 148 -23.78 -6.66 14.53
C ALA A 148 -22.51 -6.20 15.26
N ASN A 149 -21.57 -7.12 15.48
CA ASN A 149 -20.30 -6.83 16.17
C ASN A 149 -19.15 -6.54 15.21
N ASP A 150 -19.44 -6.60 13.91
CA ASP A 150 -18.46 -6.36 12.85
C ASP A 150 -18.51 -4.95 12.26
N ARG A 151 -17.33 -4.36 12.00
CA ARG A 151 -17.29 -3.06 11.35
C ARG A 151 -17.12 -3.42 9.88
N LEU A 152 -18.18 -3.18 9.11
CA LEU A 152 -18.21 -3.54 7.70
C LEU A 152 -18.14 -2.43 6.68
N LEU A 153 -18.80 -1.31 6.95
CA LEU A 153 -18.82 -0.20 6.01
C LEU A 153 -17.98 1.01 6.40
N PRO A 154 -17.52 1.79 5.39
CA PRO A 154 -16.73 3.00 5.66
C PRO A 154 -17.61 3.92 6.49
N GLN A 155 -17.00 4.61 7.45
CA GLN A 155 -17.77 5.52 8.30
C GLN A 155 -18.52 6.55 7.46
N ARG A 156 -17.89 7.01 6.37
CA ARG A 156 -18.51 8.01 5.52
C ARG A 156 -19.67 7.55 4.63
N VAL A 157 -19.82 6.24 4.40
CA VAL A 157 -20.97 5.78 3.59
C VAL A 157 -22.17 5.58 4.49
N LEU A 158 -21.91 5.27 5.77
CA LEU A 158 -22.98 5.08 6.75
C LEU A 158 -23.61 6.42 7.09
N GLU A 159 -22.81 7.48 6.99
CA GLU A 159 -23.27 8.82 7.28
C GLU A 159 -24.01 9.42 6.08
N GLN A 160 -23.48 9.23 4.87
CA GLN A 160 -24.12 9.77 3.67
C GLN A 160 -25.37 8.99 3.26
N HIS A 161 -25.53 7.78 3.81
CA HIS A 161 -26.69 6.95 3.48
C HIS A 161 -27.60 6.62 4.65
N LYS A 162 -28.85 7.00 4.49
CA LYS A 162 -29.91 6.81 5.46
C LYS A 162 -30.51 5.39 5.52
N LEU A 163 -29.86 4.52 6.29
CA LEU A 163 -30.30 3.13 6.50
C LEU A 163 -29.96 2.75 7.94
N THR A 164 -30.85 2.01 8.59
CA THR A 164 -30.62 1.60 9.99
C THR A 164 -29.45 0.63 10.05
N LYS A 165 -29.07 0.23 11.26
CA LYS A 165 -27.95 -0.71 11.43
C LYS A 165 -28.27 -2.08 10.85
N GLU A 166 -29.46 -2.59 11.16
CA GLU A 166 -29.90 -3.90 10.69
C GLU A 166 -30.18 -3.94 9.20
N GLN A 167 -30.49 -2.79 8.60
CA GLN A 167 -30.76 -2.73 7.17
C GLN A 167 -29.47 -2.95 6.38
N TRP A 168 -28.40 -2.28 6.81
CA TRP A 168 -27.09 -2.41 6.17
C TRP A 168 -26.61 -3.85 6.31
N GLU A 169 -26.85 -4.44 7.48
CA GLU A 169 -26.44 -5.82 7.75
C GLU A 169 -27.21 -6.83 6.91
N GLU A 170 -28.39 -6.42 6.45
CA GLU A 170 -29.23 -7.26 5.61
C GLU A 170 -28.72 -7.18 4.18
N ARG A 171 -28.27 -5.99 3.77
CA ARG A 171 -27.74 -5.77 2.44
C ARG A 171 -26.50 -6.65 2.22
N ILE A 172 -25.61 -6.66 3.22
CA ILE A 172 -24.38 -7.45 3.22
C ILE A 172 -24.68 -8.95 3.33
N GLN A 173 -25.70 -9.29 4.11
CA GLN A 173 -26.10 -10.68 4.30
C GLN A 173 -26.58 -11.24 2.95
N ASN A 174 -27.38 -10.47 2.23
CA ASN A 174 -27.90 -10.90 0.92
C ASN A 174 -26.78 -11.24 -0.06
N TRP A 175 -25.68 -10.49 -0.01
CA TRP A 175 -24.52 -10.73 -0.87
C TRP A 175 -23.72 -11.92 -0.36
N HIS A 176 -23.58 -12.03 0.97
CA HIS A 176 -22.84 -13.14 1.59
C HIS A 176 -23.40 -14.48 1.12
N GLU A 177 -24.72 -14.61 1.14
CA GLU A 177 -25.38 -15.84 0.71
C GLU A 177 -24.97 -16.28 -0.68
N GLU A 178 -24.73 -15.33 -1.56
CA GLU A 178 -24.36 -15.64 -2.93
C GLU A 178 -22.90 -16.00 -3.18
N HIS A 179 -22.09 -15.90 -2.12
CA HIS A 179 -20.66 -16.21 -2.22
C HIS A 179 -20.38 -17.62 -1.74
N ARG A 180 -21.42 -18.42 -1.50
CA ARG A 180 -21.25 -19.79 -1.02
C ARG A 180 -20.29 -20.62 -1.86
N GLY A 181 -19.33 -21.26 -1.18
CA GLY A 181 -18.34 -22.09 -1.83
C GLY A 181 -16.98 -21.43 -1.99
N MET A 182 -16.97 -20.12 -1.84
CA MET A 182 -15.75 -19.31 -1.98
C MET A 182 -14.80 -19.46 -0.78
N LEU A 183 -13.61 -20.00 -1.04
CA LEU A 183 -12.61 -20.18 0.01
C LEU A 183 -12.10 -18.84 0.53
N ARG A 184 -11.45 -18.86 1.68
CA ARG A 184 -10.95 -17.62 2.27
C ARG A 184 -9.98 -16.89 1.33
N GLU A 185 -9.03 -17.61 0.77
CA GLU A 185 -8.06 -17.03 -0.14
C GLU A 185 -8.74 -16.40 -1.36
N ASP A 186 -9.76 -17.07 -1.88
CA ASP A 186 -10.50 -16.57 -3.05
C ASP A 186 -11.29 -15.32 -2.72
N SER A 187 -11.89 -15.32 -1.53
CA SER A 187 -12.71 -14.23 -1.02
C SER A 187 -11.91 -12.94 -0.80
N MET A 188 -10.68 -13.09 -0.29
CA MET A 188 -9.79 -11.96 -0.04
C MET A 188 -9.27 -11.40 -1.36
N MET A 189 -9.00 -12.30 -2.31
CA MET A 189 -8.53 -11.91 -3.62
C MET A 189 -9.62 -11.21 -4.42
N GLU A 190 -10.85 -11.68 -4.31
CA GLU A 190 -11.96 -11.07 -5.01
C GLU A 190 -12.14 -9.68 -4.45
N TYR A 191 -11.88 -9.53 -3.14
CA TYR A 191 -11.98 -8.26 -2.42
C TYR A 191 -10.93 -7.29 -2.99
N LEU A 192 -9.70 -7.77 -3.07
CA LEU A 192 -8.57 -7.00 -3.59
C LEU A 192 -8.73 -6.67 -5.07
N LYS A 193 -9.40 -7.54 -5.81
CA LYS A 193 -9.64 -7.32 -7.24
C LYS A 193 -10.56 -6.12 -7.46
N ILE A 194 -11.52 -5.93 -6.54
CA ILE A 194 -12.47 -4.82 -6.61
C ILE A 194 -11.82 -3.57 -6.02
N ALA A 195 -11.02 -3.77 -4.99
CA ALA A 195 -10.35 -2.67 -4.33
C ALA A 195 -9.27 -2.03 -5.18
N GLN A 196 -8.54 -2.81 -5.98
CA GLN A 196 -7.48 -2.27 -6.82
C GLN A 196 -7.93 -1.32 -7.95
N ASP A 197 -9.22 -1.32 -8.25
CA ASP A 197 -9.78 -0.46 -9.28
C ASP A 197 -10.31 0.85 -8.70
N LEU A 198 -10.29 0.95 -7.38
CA LEU A 198 -10.73 2.18 -6.73
C LEU A 198 -9.68 3.24 -7.06
N GLU A 199 -10.15 4.47 -7.29
CA GLU A 199 -9.28 5.58 -7.66
C GLU A 199 -8.10 5.87 -6.74
N MET A 200 -8.32 5.83 -5.42
CA MET A 200 -7.28 6.12 -4.45
C MET A 200 -6.37 4.98 -3.99
N TYR A 201 -6.69 3.76 -4.40
CA TYR A 201 -5.92 2.57 -4.02
C TYR A 201 -4.45 2.62 -4.48
N GLY A 202 -3.54 2.30 -3.57
CA GLY A 202 -2.14 2.29 -3.90
C GLY A 202 -1.49 3.62 -4.27
N VAL A 203 -2.08 4.73 -3.86
CA VAL A 203 -1.54 6.05 -4.15
C VAL A 203 -0.94 6.69 -2.90
N ASN A 204 0.29 7.18 -3.02
CA ASN A 204 0.98 7.84 -1.91
C ASN A 204 0.82 9.34 -2.11
N TYR A 205 0.06 9.97 -1.23
CA TYR A 205 -0.20 11.41 -1.31
C TYR A 205 0.76 12.30 -0.57
N PHE A 206 1.13 13.40 -1.20
CA PHE A 206 2.05 14.37 -0.62
C PHE A 206 1.46 15.76 -0.80
N GLU A 207 1.40 16.52 0.30
CA GLU A 207 0.87 17.88 0.27
C GLU A 207 1.97 18.79 -0.33
N ILE A 208 1.67 19.41 -1.46
CA ILE A 208 2.62 20.29 -2.14
C ILE A 208 1.96 21.59 -2.57
N LYS A 209 2.74 22.48 -3.18
CA LYS A 209 2.25 23.77 -3.70
C LYS A 209 3.01 24.04 -5.00
N ASN A 210 2.43 24.81 -5.92
CA ASN A 210 3.13 25.13 -7.16
C ASN A 210 3.86 26.49 -7.05
N LYS A 211 4.47 26.92 -8.16
CA LYS A 211 5.22 28.19 -8.17
C LYS A 211 4.38 29.36 -7.63
N LYS A 212 3.11 29.41 -8.05
CA LYS A 212 2.16 30.45 -7.62
C LYS A 212 1.95 30.42 -6.12
N GLY A 213 1.53 29.26 -5.61
CA GLY A 213 1.31 29.11 -4.18
C GLY A 213 0.09 28.26 -3.84
N THR A 214 -0.69 27.91 -4.87
CA THR A 214 -1.89 27.09 -4.68
C THR A 214 -1.55 25.70 -4.15
N GLU A 215 -2.29 25.26 -3.13
CA GLU A 215 -2.09 23.96 -2.49
C GLU A 215 -2.60 22.84 -3.38
N LEU A 216 -1.75 21.85 -3.63
CA LEU A 216 -2.08 20.70 -4.47
C LEU A 216 -1.73 19.41 -3.73
N TRP A 217 -1.82 18.30 -4.45
CA TRP A 217 -1.49 16.97 -3.95
C TRP A 217 -0.67 16.29 -5.02
N LEU A 218 0.37 15.59 -4.60
CA LEU A 218 1.19 14.84 -5.54
C LEU A 218 0.86 13.42 -5.14
N GLY A 219 0.59 12.58 -6.12
CA GLY A 219 0.29 11.20 -5.86
C GLY A 219 1.32 10.35 -6.55
N VAL A 220 1.92 9.42 -5.81
CA VAL A 220 2.92 8.52 -6.36
C VAL A 220 2.36 7.09 -6.28
N ASP A 221 2.32 6.42 -7.43
CA ASP A 221 1.84 5.05 -7.47
C ASP A 221 2.60 4.18 -8.45
N ALA A 222 2.16 2.95 -8.62
CA ALA A 222 2.79 1.99 -9.49
C ALA A 222 2.98 2.43 -10.95
N LEU A 223 2.11 3.32 -11.42
CA LEU A 223 2.17 3.80 -12.79
C LEU A 223 2.90 5.12 -13.04
N GLY A 224 3.09 5.90 -11.99
CA GLY A 224 3.76 7.18 -12.15
C GLY A 224 3.37 8.21 -11.13
N LEU A 225 3.44 9.49 -11.52
CA LEU A 225 3.11 10.61 -10.65
C LEU A 225 1.86 11.33 -11.16
N ASN A 226 1.13 11.97 -10.27
CA ASN A 226 -0.07 12.71 -10.64
C ASN A 226 -0.25 13.91 -9.75
N ILE A 227 -0.74 15.01 -10.30
CA ILE A 227 -0.98 16.17 -9.47
C ILE A 227 -2.49 16.32 -9.30
N TYR A 228 -2.91 16.50 -8.06
CA TYR A 228 -4.32 16.63 -7.73
C TYR A 228 -4.63 18.00 -7.18
N GLU A 229 -5.87 18.44 -7.40
CA GLU A 229 -6.36 19.70 -6.87
C GLU A 229 -6.58 19.37 -5.39
N HIS A 230 -6.34 20.31 -4.49
CA HIS A 230 -6.46 20.07 -3.06
C HIS A 230 -7.76 19.42 -2.51
N ASP A 231 -8.91 19.77 -3.08
CA ASP A 231 -10.18 19.20 -2.60
C ASP A 231 -10.67 17.99 -3.39
N ASP A 232 -9.81 17.46 -4.26
CA ASP A 232 -10.17 16.29 -5.07
C ASP A 232 -8.96 15.37 -5.23
N LYS A 233 -8.95 14.30 -4.44
CA LYS A 233 -7.86 13.32 -4.46
C LYS A 233 -8.18 12.08 -5.30
N LEU A 234 -9.27 12.11 -6.04
CA LEU A 234 -9.66 10.97 -6.90
C LEU A 234 -9.21 11.13 -8.36
N THR A 235 -9.55 12.30 -8.92
CA THR A 235 -9.24 12.63 -10.30
C THR A 235 -8.02 13.53 -10.43
N PRO A 236 -6.94 13.02 -11.04
CA PRO A 236 -5.72 13.80 -11.25
C PRO A 236 -5.99 14.89 -12.28
N LYS A 237 -5.42 16.08 -12.07
CA LYS A 237 -5.59 17.19 -13.00
C LYS A 237 -4.51 17.07 -14.07
N ILE A 238 -3.40 16.45 -13.69
CA ILE A 238 -2.28 16.21 -14.59
C ILE A 238 -1.60 14.90 -14.22
N GLY A 239 -1.38 14.06 -15.23
CA GLY A 239 -0.77 12.78 -15.02
C GLY A 239 0.61 12.60 -15.64
N PHE A 240 1.43 11.78 -14.99
CA PHE A 240 2.79 11.51 -15.45
C PHE A 240 3.15 10.03 -15.37
N PRO A 241 2.77 9.24 -16.40
CA PRO A 241 3.08 7.82 -16.46
C PRO A 241 4.59 7.69 -16.62
N TRP A 242 5.17 6.59 -16.17
CA TRP A 242 6.62 6.43 -16.31
C TRP A 242 7.12 6.69 -17.73
N SER A 243 6.33 6.29 -18.72
CA SER A 243 6.68 6.44 -20.14
C SER A 243 6.74 7.88 -20.66
N GLU A 244 6.18 8.81 -19.92
CA GLU A 244 6.20 10.21 -20.32
C GLU A 244 7.15 11.05 -19.47
N ILE A 245 7.93 10.39 -18.62
CA ILE A 245 8.88 11.09 -17.76
C ILE A 245 10.29 10.73 -18.15
N ARG A 246 11.09 11.74 -18.44
CA ARG A 246 12.48 11.54 -18.80
C ARG A 246 13.34 11.61 -17.57
N ASN A 247 12.98 12.52 -16.67
CA ASN A 247 13.75 12.75 -15.46
C ASN A 247 12.89 13.31 -14.32
N ILE A 248 13.25 12.94 -13.10
CA ILE A 248 12.58 13.48 -11.93
C ILE A 248 13.73 13.85 -10.99
N SER A 249 13.61 15.00 -10.36
CA SER A 249 14.67 15.46 -9.46
C SER A 249 14.19 16.53 -8.52
N PHE A 250 15.01 16.86 -7.53
CA PHE A 250 14.67 17.91 -6.59
C PHE A 250 15.88 18.78 -6.24
N ASN A 251 15.59 19.99 -5.80
CA ASN A 251 16.62 20.93 -5.40
C ASN A 251 16.04 21.64 -4.19
N ASP A 252 16.47 21.18 -3.02
CA ASP A 252 15.98 21.70 -1.75
C ASP A 252 14.48 21.44 -1.69
N LYS A 253 13.68 22.49 -1.83
CA LYS A 253 12.22 22.32 -1.76
C LYS A 253 11.52 22.25 -3.12
N LYS A 254 12.29 22.35 -4.19
CA LYS A 254 11.76 22.31 -5.56
C LYS A 254 11.90 20.94 -6.23
N PHE A 255 10.78 20.38 -6.67
CA PHE A 255 10.81 19.09 -7.36
C PHE A 255 10.44 19.39 -8.81
N VAL A 256 11.19 18.79 -9.72
CA VAL A 256 11.00 19.00 -11.15
C VAL A 256 10.79 17.68 -11.91
N ILE A 257 9.72 17.64 -12.70
CA ILE A 257 9.41 16.48 -13.50
C ILE A 257 9.67 16.89 -14.95
N LYS A 258 10.73 16.35 -15.53
CA LYS A 258 11.09 16.64 -16.92
C LYS A 258 10.41 15.64 -17.85
N PRO A 259 9.48 16.11 -18.69
CA PRO A 259 8.76 15.26 -19.63
C PRO A 259 9.64 14.72 -20.76
N ILE A 260 9.16 13.68 -21.42
CA ILE A 260 9.87 13.09 -22.55
C ILE A 260 9.70 14.00 -23.76
N ASP A 261 8.48 14.51 -23.96
CA ASP A 261 8.20 15.40 -25.06
C ASP A 261 9.00 16.68 -24.87
N LYS A 262 10.04 16.85 -25.70
CA LYS A 262 10.93 18.02 -25.61
C LYS A 262 10.28 19.37 -25.89
N LYS A 263 9.00 19.34 -26.24
CA LYS A 263 8.21 20.55 -26.54
C LYS A 263 7.30 20.97 -25.37
N ALA A 264 7.14 20.08 -24.39
CA ALA A 264 6.32 20.35 -23.21
C ALA A 264 7.15 20.96 -22.07
N PRO A 265 6.53 21.78 -21.20
CA PRO A 265 7.29 22.39 -20.10
C PRO A 265 7.48 21.43 -18.93
N ASP A 266 8.56 21.64 -18.19
CA ASP A 266 8.86 20.82 -17.02
C ASP A 266 7.80 21.14 -15.98
N PHE A 267 7.33 20.15 -15.22
CA PHE A 267 6.37 20.44 -14.16
C PHE A 267 7.16 20.61 -12.88
N VAL A 268 6.96 21.76 -12.24
CA VAL A 268 7.66 22.12 -11.01
C VAL A 268 6.73 22.33 -9.81
N PHE A 269 7.04 21.69 -8.69
CA PHE A 269 6.26 21.83 -7.49
C PHE A 269 7.14 21.97 -6.24
N TYR A 270 6.55 22.47 -5.17
CA TYR A 270 7.28 22.68 -3.92
C TYR A 270 6.74 21.88 -2.75
N ALA A 271 7.67 21.21 -2.08
CA ALA A 271 7.37 20.41 -0.93
C ALA A 271 7.68 21.27 0.30
N PRO A 272 6.98 21.01 1.42
CA PRO A 272 7.20 21.77 2.65
C PRO A 272 8.64 21.72 3.11
N ARG A 273 9.30 20.58 2.92
CA ARG A 273 10.68 20.36 3.34
C ARG A 273 11.51 19.54 2.36
N LEU A 274 12.82 19.52 2.59
CA LEU A 274 13.74 18.75 1.76
C LEU A 274 13.51 17.25 1.95
N ARG A 275 13.27 16.83 3.19
CA ARG A 275 13.03 15.40 3.48
C ARG A 275 11.84 14.82 2.69
N ILE A 276 10.85 15.66 2.41
CA ILE A 276 9.68 15.23 1.64
C ILE A 276 10.08 14.88 0.22
N ASN A 277 10.83 15.77 -0.43
CA ASN A 277 11.30 15.54 -1.80
C ASN A 277 12.18 14.30 -1.88
N LYS A 278 13.00 14.08 -0.86
CA LYS A 278 13.88 12.90 -0.82
C LYS A 278 13.05 11.61 -0.78
N ARG A 279 11.99 11.63 0.01
CA ARG A 279 11.09 10.49 0.16
C ARG A 279 10.25 10.29 -1.09
N ILE A 280 9.89 11.40 -1.74
CA ILE A 280 9.11 11.36 -2.99
C ILE A 280 9.91 10.67 -4.09
N LEU A 281 11.18 11.03 -4.21
CA LEU A 281 12.09 10.46 -5.21
C LEU A 281 12.38 8.98 -4.95
N ALA A 282 12.52 8.63 -3.67
CA ALA A 282 12.79 7.25 -3.28
C ALA A 282 11.62 6.36 -3.66
N LEU A 283 10.40 6.81 -3.37
CA LEU A 283 9.18 6.06 -3.70
C LEU A 283 9.00 5.92 -5.21
N CYS A 284 9.23 7.01 -5.94
CA CYS A 284 9.11 7.00 -7.39
C CYS A 284 10.06 5.97 -7.94
N MET A 285 11.29 5.97 -7.45
CA MET A 285 12.32 5.03 -7.89
C MET A 285 11.97 3.59 -7.52
N GLY A 286 11.34 3.42 -6.36
CA GLY A 286 10.94 2.10 -5.91
C GLY A 286 9.80 1.55 -6.74
N ASN A 287 8.89 2.43 -7.15
CA ASN A 287 7.74 2.04 -7.97
C ASN A 287 8.15 1.81 -9.43
N HIS A 288 9.05 2.63 -9.93
CA HIS A 288 9.53 2.48 -11.30
C HIS A 288 10.38 1.21 -11.38
N GLU A 289 11.10 0.92 -10.30
CA GLU A 289 11.94 -0.27 -10.24
C GLU A 289 11.09 -1.51 -10.43
N LEU A 290 9.97 -1.60 -9.71
CA LEU A 290 9.06 -2.74 -9.82
C LEU A 290 8.28 -2.74 -11.12
N TYR A 291 8.08 -1.55 -11.68
CA TYR A 291 7.38 -1.39 -12.95
C TYR A 291 8.25 -2.05 -14.02
N MET A 292 9.57 -1.90 -13.88
CA MET A 292 10.50 -2.49 -14.83
C MET A 292 10.66 -3.96 -14.56
N ARG A 293 10.79 -4.31 -13.29
CA ARG A 293 10.96 -5.69 -12.84
C ARG A 293 9.87 -6.66 -13.31
N ARG A 294 8.61 -6.22 -13.24
CA ARG A 294 7.50 -7.09 -13.66
C ARG A 294 7.40 -7.22 -15.17
N ARG A 295 8.15 -6.40 -15.90
CA ARG A 295 8.16 -6.46 -17.36
C ARG A 295 9.34 -7.25 -17.90
N LYS A 296 10.11 -7.81 -16.98
CA LYS A 296 11.27 -8.65 -17.28
C LYS A 296 10.85 -10.05 -16.77
N PRO A 297 11.27 -11.13 -17.47
CA PRO A 297 10.92 -12.50 -17.07
C PRO A 297 11.02 -12.76 -15.57
N ASP A 298 10.06 -13.53 -15.04
CA ASP A 298 10.03 -13.85 -13.61
C ASP A 298 11.29 -14.54 -13.16
N THR A 299 11.75 -14.19 -11.97
CA THR A 299 12.95 -14.80 -11.41
C THR A 299 12.67 -16.27 -11.17
N ILE A 300 13.73 -17.07 -11.08
CA ILE A 300 13.59 -18.51 -10.85
C ILE A 300 12.78 -18.73 -9.56
N GLU A 301 13.03 -17.88 -8.58
CA GLU A 301 12.33 -17.91 -7.29
C GLU A 301 10.82 -17.69 -7.49
N VAL A 302 10.43 -16.69 -8.29
CA VAL A 302 9.03 -16.39 -8.55
C VAL A 302 8.34 -17.51 -9.32
N GLN A 303 8.97 -17.98 -10.38
CA GLN A 303 8.43 -19.05 -11.21
C GLN A 303 8.07 -20.25 -10.32
N GLN A 304 8.92 -20.50 -9.33
CA GLN A 304 8.74 -21.60 -8.40
C GLN A 304 7.59 -21.37 -7.43
N MET A 305 7.41 -20.13 -7.00
CA MET A 305 6.31 -19.80 -6.08
C MET A 305 4.96 -19.95 -6.76
N LYS A 306 4.87 -19.50 -8.02
CA LYS A 306 3.63 -19.58 -8.80
C LYS A 306 3.30 -21.05 -9.08
N ALA A 307 4.35 -21.87 -9.09
CA ALA A 307 4.22 -23.31 -9.31
C ALA A 307 3.74 -24.00 -8.02
N GLN A 308 4.17 -23.47 -6.88
CA GLN A 308 3.79 -23.97 -5.57
C GLN A 308 2.32 -23.63 -5.27
N ALA A 309 1.89 -22.44 -5.72
CA ALA A 309 0.52 -21.97 -5.52
C ALA A 309 -0.47 -22.73 -6.42
N ARG A 310 0.05 -23.27 -7.52
CA ARG A 310 -0.74 -24.05 -8.49
C ARG A 310 -1.15 -25.36 -7.82
N VAL A 311 -0.28 -25.83 -6.93
CA VAL A 311 -0.48 -27.07 -6.17
C VAL A 311 -1.40 -26.87 -4.95
N ASP A 312 -1.15 -25.81 -4.18
CA ASP A 312 -1.94 -25.49 -3.00
C ASP A 312 -3.39 -25.10 -3.32
N SER A 313 -3.72 -25.00 -4.60
CA SER A 313 -5.06 -24.64 -5.07
C SER A 313 -5.76 -25.84 -5.70
N SER A 314 -5.01 -26.93 -5.85
CA SER A 314 -5.54 -28.15 -6.45
C SER A 314 -6.26 -29.03 -5.42
N GLY A 315 -7.36 -29.63 -5.82
CA GLY A 315 -8.12 -30.50 -4.93
C GLY A 315 -7.94 -31.99 -5.24
N ALA A 316 -6.96 -32.31 -6.08
CA ALA A 316 -6.67 -33.69 -6.47
C ALA A 316 -5.59 -34.28 -5.56
N ALA A 317 -5.67 -35.59 -5.33
CA ALA A 317 -4.70 -36.29 -4.47
C ALA A 317 -3.34 -36.44 -5.15
N ARG B 1 28.51 17.91 -0.43
CA ARG B 1 27.60 18.85 0.24
C ARG B 1 26.53 19.40 -0.71
N ARG B 2 25.63 18.50 -1.16
CA ARG B 2 24.54 18.84 -2.09
C ARG B 2 23.18 18.40 -1.52
N ARG B 3 22.24 19.34 -1.43
CA ARG B 3 20.88 19.07 -0.94
C ARG B 3 19.95 18.87 -2.14
N THR B 4 20.41 18.06 -3.08
CA THR B 4 19.68 17.78 -4.31
C THR B 4 19.69 16.28 -4.61
N GLY B 5 18.96 15.89 -5.66
CA GLY B 5 18.88 14.49 -6.03
C GLY B 5 18.25 14.39 -7.39
N THR B 6 18.63 13.39 -8.16
CA THR B 6 18.07 13.22 -9.48
C THR B 6 18.02 11.77 -9.92
N TYR B 7 17.00 11.44 -10.70
CA TYR B 7 16.83 10.08 -11.21
C TYR B 7 16.40 10.11 -12.66
N GLY B 8 17.14 9.40 -13.50
CA GLY B 8 16.85 9.31 -14.92
C GLY B 8 15.90 8.16 -15.22
N VAL B 9 14.61 8.48 -15.25
CA VAL B 9 13.54 7.53 -15.51
C VAL B 9 13.74 6.85 -16.86
N LEU B 10 13.81 7.63 -17.93
CA LEU B 10 14.01 7.08 -19.27
C LEU B 10 15.26 6.20 -19.36
N ALA B 11 16.38 6.71 -18.85
CA ALA B 11 17.68 6.03 -18.87
C ALA B 11 17.76 4.71 -18.11
N ALA B 12 16.90 4.51 -17.12
CA ALA B 12 16.91 3.28 -16.32
C ALA B 12 16.57 1.99 -17.07
N TRP B 13 15.92 2.10 -18.23
CA TRP B 13 15.55 0.95 -19.05
C TRP B 13 16.77 0.19 -19.61
N ARG B 14 17.34 -0.67 -18.77
CA ARG B 14 18.48 -1.51 -19.16
C ARG B 14 17.94 -2.73 -19.91
N ARG B 15 16.66 -2.65 -20.29
CA ARG B 15 15.98 -3.72 -21.01
C ARG B 15 16.68 -4.02 -22.34
N LEU B 16 17.38 -3.01 -22.86
CA LEU B 16 18.12 -3.13 -24.11
C LEU B 16 19.49 -3.80 -23.87
#